data_1WNR
#
_entry.id   1WNR
#
_cell.length_a   192.881
_cell.length_b   192.881
_cell.length_c   109.662
_cell.angle_alpha   90.00
_cell.angle_beta   90.00
_cell.angle_gamma   90.00
#
_symmetry.space_group_name_H-M   'I 41 2 2'
#
_entity_poly.entity_id   1
_entity_poly.type   'polypeptide(L)'
_entity_poly.pdbx_seq_one_letter_code
;MIKPLGDRVVVKRIEEEPKTKGGIVLPDTAKEKPQKGKVIAVGTGRVLENGQRVPLEVKEGDIVVFAKYGGTEIEIDGEE
YVILSERDLLAVLQ
;
_entity_poly.pdbx_strand_id   A,B,C,D,E,F,G
#
# COMPACT_ATOMS: atom_id res chain seq x y z
N MET A 1 11.02 30.16 -11.71
CA MET A 1 11.45 30.54 -10.33
C MET A 1 11.52 29.27 -9.51
N ILE A 2 10.37 28.82 -9.01
CA ILE A 2 10.28 27.57 -8.26
C ILE A 2 9.44 26.61 -9.07
N LYS A 3 10.08 25.61 -9.67
CA LYS A 3 9.39 24.61 -10.49
C LYS A 3 8.94 23.42 -9.62
N PRO A 4 7.64 23.30 -9.35
CA PRO A 4 7.16 22.19 -8.53
C PRO A 4 7.42 20.89 -9.28
N LEU A 5 7.80 19.86 -8.56
CA LEU A 5 8.05 18.61 -9.26
C LEU A 5 6.92 17.64 -9.16
N GLY A 6 6.63 17.00 -10.27
CA GLY A 6 5.58 16.02 -10.30
C GLY A 6 4.19 16.51 -10.02
N ASP A 7 3.56 15.83 -9.08
CA ASP A 7 2.19 16.11 -8.69
C ASP A 7 2.09 17.25 -7.69
N ARG A 8 2.80 18.33 -7.92
CA ARG A 8 2.79 19.42 -6.98
C ARG A 8 2.54 20.81 -7.53
N VAL A 9 2.31 21.75 -6.63
CA VAL A 9 2.11 23.15 -7.00
C VAL A 9 2.78 24.03 -5.97
N VAL A 10 3.01 25.29 -6.33
CA VAL A 10 3.56 26.25 -5.38
C VAL A 10 2.51 27.33 -5.20
N VAL A 11 2.19 27.65 -3.96
CA VAL A 11 1.20 28.70 -3.70
C VAL A 11 1.79 29.75 -2.79
N LYS A 12 1.15 30.92 -2.81
CA LYS A 12 1.56 32.00 -1.93
C LYS A 12 0.41 32.04 -0.95
N ARG A 13 0.70 31.81 0.32
CA ARG A 13 -0.35 31.82 1.33
C ARG A 13 -1.11 33.16 1.36
N ILE A 14 -2.27 33.21 2.02
CA ILE A 14 -3.03 34.44 2.12
C ILE A 14 -3.48 34.79 3.54
N PRO A 34 -8.04 25.69 8.00
CA PRO A 34 -8.01 25.70 6.52
C PRO A 34 -7.17 26.87 6.08
N GLN A 35 -6.35 26.67 5.07
CA GLN A 35 -5.51 27.75 4.57
C GLN A 35 -5.92 28.08 3.16
N LYS A 36 -5.69 29.32 2.75
CA LYS A 36 -6.01 29.74 1.41
C LYS A 36 -4.69 30.18 0.81
N GLY A 37 -4.53 30.00 -0.50
CA GLY A 37 -3.31 30.41 -1.14
C GLY A 37 -3.55 30.55 -2.62
N LYS A 38 -2.71 31.34 -3.27
CA LYS A 38 -2.84 31.55 -4.69
C LYS A 38 -1.87 30.63 -5.37
N VAL A 39 -2.37 29.86 -6.31
CA VAL A 39 -1.51 28.93 -7.04
C VAL A 39 -0.68 29.77 -7.98
N ILE A 40 0.64 29.69 -7.87
CA ILE A 40 1.52 30.47 -8.76
C ILE A 40 2.41 29.62 -9.68
N ALA A 41 2.62 28.35 -9.32
CA ALA A 41 3.41 27.44 -10.15
C ALA A 41 2.75 26.06 -10.15
N VAL A 42 2.70 25.39 -11.29
CA VAL A 42 2.08 24.06 -11.29
C VAL A 42 3.04 23.03 -11.83
N GLY A 43 2.99 21.85 -11.24
CA GLY A 43 3.86 20.77 -11.68
C GLY A 43 3.27 20.07 -12.88
N THR A 44 3.99 19.08 -13.37
CA THR A 44 3.56 18.32 -14.53
C THR A 44 2.51 17.26 -14.22
N GLY A 45 2.28 17.02 -12.94
CA GLY A 45 1.26 16.06 -12.57
C GLY A 45 1.68 14.65 -12.28
N ARG A 46 0.70 13.84 -11.91
CA ARG A 46 0.89 12.43 -11.56
C ARG A 46 1.02 11.55 -12.78
N VAL A 47 1.91 10.57 -12.70
CA VAL A 47 2.10 9.61 -13.78
C VAL A 47 1.42 8.31 -13.38
N LEU A 48 0.54 7.83 -14.25
CA LEU A 48 -0.21 6.60 -14.00
C LEU A 48 0.59 5.36 -14.44
N GLU A 49 0.24 4.22 -13.86
CA GLU A 49 0.94 2.98 -14.17
C GLU A 49 0.90 2.65 -15.64
N ASN A 50 -0.02 3.26 -16.38
CA ASN A 50 -0.13 3.00 -17.81
C ASN A 50 0.68 4.03 -18.60
N GLY A 51 1.59 4.71 -17.91
CA GLY A 51 2.42 5.71 -18.54
C GLY A 51 1.81 7.10 -18.74
N GLN A 52 0.49 7.19 -18.62
CA GLN A 52 -0.22 8.47 -18.78
C GLN A 52 0.06 9.47 -17.67
N ARG A 53 0.10 10.75 -18.03
CA ARG A 53 0.34 11.82 -17.08
C ARG A 53 -0.89 12.70 -16.86
N VAL A 54 -1.56 12.50 -15.72
CA VAL A 54 -2.76 13.28 -15.36
C VAL A 54 -2.36 14.68 -14.88
N PRO A 55 -2.77 15.72 -15.62
CA PRO A 55 -2.46 17.12 -15.29
C PRO A 55 -3.11 17.60 -14.00
N LEU A 56 -2.55 18.64 -13.40
CA LEU A 56 -3.13 19.18 -12.18
C LEU A 56 -4.46 19.84 -12.49
N GLU A 57 -5.41 19.72 -11.56
CA GLU A 57 -6.74 20.29 -11.71
C GLU A 57 -6.73 21.82 -11.52
N VAL A 58 -5.77 22.34 -10.77
CA VAL A 58 -5.69 23.77 -10.54
C VAL A 58 -4.79 24.46 -11.55
N LYS A 59 -4.96 25.76 -11.72
CA LYS A 59 -4.11 26.54 -12.62
C LYS A 59 -3.62 27.78 -11.92
N GLU A 60 -2.66 28.48 -12.50
CA GLU A 60 -2.14 29.70 -11.89
C GLU A 60 -3.27 30.71 -11.70
N GLY A 61 -3.33 31.31 -10.51
CA GLY A 61 -4.36 32.30 -10.25
C GLY A 61 -5.40 31.80 -9.26
N ASP A 62 -5.71 30.51 -9.36
CA ASP A 62 -6.68 29.84 -8.51
C ASP A 62 -6.40 29.94 -7.03
N ILE A 63 -7.37 30.38 -6.25
CA ILE A 63 -7.17 30.40 -4.82
C ILE A 63 -7.64 29.01 -4.43
N VAL A 64 -6.73 28.25 -3.82
CA VAL A 64 -7.05 26.90 -3.40
C VAL A 64 -7.15 26.89 -1.88
N VAL A 65 -7.81 25.87 -1.34
CA VAL A 65 -7.96 25.70 0.11
C VAL A 65 -7.23 24.41 0.43
N PHE A 66 -6.34 24.45 1.42
CA PHE A 66 -5.62 23.25 1.80
C PHE A 66 -5.59 23.11 3.30
N ALA A 67 -5.42 21.89 3.77
CA ALA A 67 -5.39 21.64 5.20
C ALA A 67 -4.33 22.46 5.91
N LYS A 68 -4.61 22.79 7.16
CA LYS A 68 -3.71 23.56 8.00
C LYS A 68 -2.53 22.65 8.36
N TYR A 69 -1.30 23.15 8.28
CA TYR A 69 -0.08 22.39 8.55
C TYR A 69 0.34 21.51 7.38
N GLY A 70 -0.43 21.59 6.30
CA GLY A 70 -0.14 20.81 5.11
C GLY A 70 0.88 21.56 4.27
N GLY A 71 1.48 20.90 3.31
CA GLY A 71 2.48 21.54 2.47
C GLY A 71 3.81 21.78 3.16
N THR A 72 4.79 22.20 2.37
CA THR A 72 6.14 22.49 2.86
C THR A 72 6.40 23.97 2.69
N GLU A 73 6.77 24.64 3.79
CA GLU A 73 7.10 26.06 3.79
C GLU A 73 8.48 26.28 3.21
N ILE A 74 8.58 27.13 2.19
CA ILE A 74 9.89 27.38 1.63
C ILE A 74 10.11 28.88 1.55
N GLU A 75 11.24 29.34 2.06
CA GLU A 75 11.53 30.76 1.99
C GLU A 75 12.65 31.04 0.97
N ILE A 76 12.48 32.13 0.24
CA ILE A 76 13.45 32.49 -0.77
C ILE A 76 13.36 33.99 -0.91
N ASP A 77 14.48 34.65 -0.66
CA ASP A 77 14.57 36.12 -0.74
C ASP A 77 13.51 36.79 0.13
N GLY A 78 13.32 36.29 1.34
CA GLY A 78 12.36 36.91 2.24
C GLY A 78 10.92 36.58 1.94
N GLU A 79 10.65 36.18 0.70
CA GLU A 79 9.29 35.81 0.32
C GLU A 79 9.02 34.39 0.76
N GLU A 80 7.82 34.14 1.25
CA GLU A 80 7.48 32.79 1.66
C GLU A 80 6.52 32.12 0.72
N TYR A 81 6.65 30.80 0.61
CA TYR A 81 5.79 30.03 -0.25
C TYR A 81 5.46 28.70 0.38
N VAL A 82 4.55 27.96 -0.25
CA VAL A 82 4.19 26.65 0.25
C VAL A 82 4.14 25.72 -0.94
N ILE A 83 4.75 24.54 -0.80
CA ILE A 83 4.71 23.54 -1.87
C ILE A 83 3.69 22.52 -1.40
N LEU A 84 2.72 22.22 -2.26
CA LEU A 84 1.68 21.28 -1.89
C LEU A 84 1.52 20.26 -2.97
N SER A 85 1.18 19.03 -2.58
CA SER A 85 0.97 18.01 -3.58
C SER A 85 -0.51 18.05 -3.86
N GLU A 86 -0.89 17.67 -5.06
CA GLU A 86 -2.28 17.74 -5.45
C GLU A 86 -3.22 17.13 -4.46
N ARG A 87 -2.83 16.04 -3.83
CA ARG A 87 -3.76 15.42 -2.90
C ARG A 87 -4.03 16.29 -1.70
N ASP A 88 -3.28 17.37 -1.56
CA ASP A 88 -3.48 18.26 -0.43
C ASP A 88 -4.36 19.45 -0.72
N LEU A 89 -4.68 19.64 -2.00
CA LEU A 89 -5.54 20.71 -2.41
C LEU A 89 -7.00 20.25 -2.32
N LEU A 90 -7.74 20.78 -1.33
CA LEU A 90 -9.14 20.43 -1.08
C LEU A 90 -10.15 21.03 -2.06
N ALA A 91 -10.00 22.31 -2.36
CA ALA A 91 -10.93 22.96 -3.28
C ALA A 91 -10.42 24.31 -3.74
N VAL A 92 -11.10 24.85 -4.77
CA VAL A 92 -10.79 26.16 -5.33
C VAL A 92 -11.88 27.18 -4.96
N LEU A 93 -11.47 28.36 -4.49
CA LEU A 93 -12.43 29.43 -4.14
C LEU A 93 -12.63 30.40 -5.31
N GLN A 94 -13.86 30.47 -5.82
CA GLN A 94 -14.17 31.34 -6.94
C GLN A 94 -15.62 31.84 -6.96
N MET B 1 -18.84 29.26 -6.23
CA MET B 1 -18.48 29.52 -4.80
C MET B 1 -17.29 28.61 -4.49
N ILE B 2 -17.52 27.52 -3.76
CA ILE B 2 -16.44 26.59 -3.44
C ILE B 2 -16.51 25.51 -4.47
N LYS B 3 -15.39 25.13 -5.03
CA LYS B 3 -15.38 24.09 -6.01
C LYS B 3 -14.53 22.94 -5.45
N PRO B 4 -15.17 21.85 -5.01
CA PRO B 4 -14.39 20.73 -4.45
C PRO B 4 -13.49 20.19 -5.55
N LEU B 5 -12.27 19.84 -5.19
CA LEU B 5 -11.32 19.29 -6.14
C LEU B 5 -11.24 17.78 -6.09
N GLY B 6 -11.28 17.19 -7.27
CA GLY B 6 -11.19 15.75 -7.38
C GLY B 6 -12.34 14.94 -6.82
N ASP B 7 -11.97 13.92 -6.06
CA ASP B 7 -12.91 12.99 -5.45
C ASP B 7 -13.52 13.57 -4.19
N ARG B 8 -14.00 14.81 -4.27
CA ARG B 8 -14.56 15.46 -3.09
C ARG B 8 -15.89 16.17 -3.29
N VAL B 9 -16.51 16.52 -2.17
CA VAL B 9 -17.77 17.26 -2.14
C VAL B 9 -17.77 18.29 -1.02
N VAL B 10 -18.69 19.25 -1.08
CA VAL B 10 -18.80 20.23 -0.01
C VAL B 10 -20.19 20.02 0.54
N VAL B 11 -20.31 19.94 1.86
CA VAL B 11 -21.62 19.76 2.50
C VAL B 11 -21.85 20.75 3.65
N LYS B 12 -23.08 21.25 3.75
CA LYS B 12 -23.50 22.15 4.82
C LYS B 12 -23.89 21.20 5.96
N ARG B 13 -23.28 21.33 7.14
CA ARG B 13 -23.64 20.40 8.20
C ARG B 13 -25.11 20.55 8.58
N ILE B 14 -25.64 19.64 9.40
CA ILE B 14 -27.04 19.76 9.74
C ILE B 14 -27.32 19.73 11.25
N PRO B 34 -21.56 10.07 14.11
CA PRO B 34 -21.99 10.15 12.71
C PRO B 34 -22.59 11.51 12.42
N GLN B 35 -22.26 12.07 11.26
CA GLN B 35 -22.72 13.38 10.87
C GLN B 35 -23.65 13.37 9.66
N LYS B 36 -24.59 14.30 9.63
CA LYS B 36 -25.50 14.42 8.50
C LYS B 36 -25.14 15.78 7.89
N GLY B 37 -25.10 15.84 6.57
CA GLY B 37 -24.80 17.10 5.91
C GLY B 37 -25.52 17.07 4.59
N LYS B 38 -25.67 18.23 3.97
CA LYS B 38 -26.34 18.28 2.68
C LYS B 38 -25.33 18.61 1.59
N VAL B 39 -25.25 17.77 0.58
CA VAL B 39 -24.30 18.00 -0.49
C VAL B 39 -24.72 19.25 -1.25
N ILE B 40 -23.80 20.18 -1.41
CA ILE B 40 -24.11 21.42 -2.13
C ILE B 40 -23.21 21.60 -3.35
N ALA B 41 -22.13 20.81 -3.43
CA ALA B 41 -21.21 20.89 -4.57
C ALA B 41 -20.36 19.62 -4.63
N VAL B 42 -20.25 19.04 -5.82
CA VAL B 42 -19.48 17.82 -5.98
C VAL B 42 -18.27 18.05 -6.85
N GLY B 43 -17.25 17.21 -6.65
CA GLY B 43 -16.03 17.33 -7.42
C GLY B 43 -16.19 16.60 -8.73
N THR B 44 -15.09 16.40 -9.44
CA THR B 44 -15.11 15.68 -10.71
C THR B 44 -14.85 14.19 -10.52
N GLY B 45 -14.61 13.79 -9.28
CA GLY B 45 -14.36 12.39 -9.00
C GLY B 45 -12.93 11.93 -9.13
N ARG B 46 -12.73 10.71 -8.67
CA ARG B 46 -11.46 10.00 -8.67
C ARG B 46 -10.98 9.60 -10.07
N VAL B 47 -9.66 9.65 -10.28
CA VAL B 47 -9.05 9.27 -11.54
C VAL B 47 -8.40 7.89 -11.36
N LEU B 48 -8.70 6.96 -12.27
CA LEU B 48 -8.15 5.60 -12.19
C LEU B 48 -6.85 5.44 -12.96
N GLU B 49 -6.10 4.39 -12.63
CA GLU B 49 -4.82 4.13 -13.29
C GLU B 49 -4.93 3.90 -14.79
N ASN B 50 -6.16 3.88 -15.30
CA ASN B 50 -6.38 3.69 -16.71
C ASN B 50 -6.90 5.00 -17.30
N GLY B 51 -6.65 6.09 -16.58
CA GLY B 51 -7.07 7.41 -17.03
C GLY B 51 -8.55 7.72 -16.90
N GLN B 52 -9.36 6.70 -16.65
CA GLN B 52 -10.80 6.89 -16.51
C GLN B 52 -11.12 7.61 -15.23
N ARG B 53 -12.10 8.50 -15.29
CA ARG B 53 -12.51 9.28 -14.13
C ARG B 53 -13.88 8.81 -13.61
N VAL B 54 -13.91 8.30 -12.38
CA VAL B 54 -15.16 7.81 -11.80
C VAL B 54 -15.96 8.93 -11.11
N PRO B 55 -17.13 9.27 -11.66
CA PRO B 55 -17.94 10.34 -11.07
C PRO B 55 -18.30 10.02 -9.63
N LEU B 56 -18.64 11.07 -8.87
CA LEU B 56 -19.02 10.85 -7.48
C LEU B 56 -20.40 10.18 -7.49
N GLU B 57 -20.70 9.44 -6.41
CA GLU B 57 -21.96 8.70 -6.29
C GLU B 57 -23.10 9.50 -5.70
N VAL B 58 -22.82 10.71 -5.24
CA VAL B 58 -23.84 11.57 -4.64
C VAL B 58 -24.01 12.80 -5.53
N LYS B 59 -25.17 13.46 -5.44
CA LYS B 59 -25.42 14.67 -6.21
C LYS B 59 -25.79 15.79 -5.27
N GLU B 60 -25.98 16.99 -5.79
CA GLU B 60 -26.35 18.10 -4.91
C GLU B 60 -27.72 17.86 -4.33
N GLY B 61 -27.92 18.34 -3.10
CA GLY B 61 -29.20 18.14 -2.45
C GLY B 61 -29.23 16.87 -1.62
N ASP B 62 -28.44 15.87 -2.01
CA ASP B 62 -28.40 14.64 -1.25
C ASP B 62 -28.02 14.88 0.22
N ILE B 63 -28.59 14.08 1.12
CA ILE B 63 -28.27 14.19 2.54
C ILE B 63 -27.37 12.98 2.76
N VAL B 64 -26.13 13.24 3.14
CA VAL B 64 -25.18 12.18 3.36
C VAL B 64 -24.85 12.02 4.82
N VAL B 65 -24.35 10.83 5.16
CA VAL B 65 -23.94 10.55 6.52
C VAL B 65 -22.43 10.39 6.43
N PHE B 66 -21.68 11.06 7.28
CA PHE B 66 -20.25 10.90 7.20
C PHE B 66 -19.61 10.74 8.55
N ALA B 67 -18.42 10.14 8.54
CA ALA B 67 -17.64 9.87 9.74
C ALA B 67 -17.43 11.09 10.63
N LYS B 68 -17.76 10.96 11.91
CA LYS B 68 -17.57 12.07 12.86
C LYS B 68 -16.10 12.47 12.77
N TYR B 69 -15.79 13.75 12.99
CA TYR B 69 -14.40 14.21 12.93
C TYR B 69 -13.77 13.97 11.56
N GLY B 70 -14.55 13.54 10.57
CA GLY B 70 -13.98 13.33 9.24
C GLY B 70 -14.03 14.61 8.42
N GLY B 71 -13.22 14.73 7.38
CA GLY B 71 -13.25 15.95 6.56
C GLY B 71 -12.64 17.24 7.10
N THR B 72 -12.62 18.28 6.28
CA THR B 72 -12.08 19.59 6.66
C THR B 72 -13.20 20.62 6.81
N GLU B 73 -13.27 21.21 7.99
CA GLU B 73 -14.26 22.23 8.31
C GLU B 73 -13.84 23.55 7.69
N ILE B 74 -14.74 24.21 6.97
CA ILE B 74 -14.40 25.48 6.35
C ILE B 74 -15.58 26.42 6.58
N GLU B 75 -15.30 27.61 7.10
CA GLU B 75 -16.37 28.55 7.33
C GLU B 75 -16.32 29.59 6.24
N ILE B 76 -17.47 29.85 5.66
CA ILE B 76 -17.56 30.82 4.59
C ILE B 76 -18.79 31.70 4.75
N ASP B 77 -18.53 33.00 4.98
CA ASP B 77 -19.59 33.99 5.19
C ASP B 77 -20.45 33.54 6.36
N GLY B 78 -19.81 33.44 7.53
CA GLY B 78 -20.48 33.03 8.74
C GLY B 78 -21.18 31.69 8.56
N GLU B 79 -20.85 31.02 7.47
CA GLU B 79 -21.46 29.72 7.20
C GLU B 79 -20.49 28.56 7.38
N GLU B 80 -21.02 27.46 7.93
CA GLU B 80 -20.21 26.28 8.19
C GLU B 80 -20.41 25.05 7.32
N TYR B 81 -19.38 24.73 6.56
CA TYR B 81 -19.42 23.58 5.68
C TYR B 81 -18.27 22.65 6.02
N VAL B 82 -18.29 21.49 5.37
CA VAL B 82 -17.27 20.49 5.56
C VAL B 82 -16.92 19.93 4.21
N ILE B 83 -15.62 19.94 3.89
CA ILE B 83 -15.14 19.41 2.62
C ILE B 83 -14.77 17.97 2.92
N LEU B 84 -15.44 17.05 2.26
CA LEU B 84 -15.21 15.65 2.50
C LEU B 84 -14.90 14.95 1.20
N SER B 85 -14.11 13.88 1.27
CA SER B 85 -13.81 13.11 0.08
C SER B 85 -14.78 11.94 0.04
N GLU B 86 -15.18 11.56 -1.17
CA GLU B 86 -16.14 10.48 -1.34
C GLU B 86 -15.93 9.25 -0.46
N ARG B 87 -14.69 8.91 -0.16
CA ARG B 87 -14.48 7.73 0.66
C ARG B 87 -14.96 7.93 2.09
N ASP B 88 -15.30 9.16 2.46
CA ASP B 88 -15.77 9.41 3.81
C ASP B 88 -17.30 9.43 3.90
N LEU B 89 -17.96 9.41 2.75
CA LEU B 89 -19.42 9.40 2.70
C LEU B 89 -19.92 7.96 2.87
N LEU B 90 -20.56 7.67 4.00
CA LEU B 90 -21.08 6.34 4.31
C LEU B 90 -22.36 6.00 3.56
N ALA B 91 -23.33 6.89 3.66
CA ALA B 91 -24.60 6.65 3.00
C ALA B 91 -25.35 7.92 2.70
N VAL B 92 -26.40 7.77 1.93
CA VAL B 92 -27.28 8.87 1.58
C VAL B 92 -28.57 8.58 2.32
N LEU B 93 -29.08 9.57 3.06
CA LEU B 93 -30.35 9.39 3.78
C LEU B 93 -31.46 9.87 2.87
N GLN B 94 -32.38 8.98 2.53
CA GLN B 94 -33.50 9.34 1.66
C GLN B 94 -34.82 8.62 1.96
N MET C 1 -34.65 4.32 2.47
CA MET C 1 -34.35 5.06 3.73
C MET C 1 -32.86 5.37 3.82
N ILE C 2 -32.04 4.42 4.25
CA ILE C 2 -30.59 4.65 4.33
C ILE C 2 -29.90 3.97 3.14
N LYS C 3 -29.39 4.74 2.19
CA LYS C 3 -28.71 4.17 1.01
C LYS C 3 -27.21 4.14 1.26
N PRO C 4 -26.65 2.94 1.42
CA PRO C 4 -25.21 2.84 1.66
C PRO C 4 -24.45 3.21 0.41
N LEU C 5 -23.34 3.94 0.55
CA LEU C 5 -22.56 4.30 -0.61
C LEU C 5 -21.43 3.35 -0.90
N GLY C 6 -21.12 3.19 -2.18
CA GLY C 6 -20.02 2.33 -2.58
C GLY C 6 -20.03 0.86 -2.23
N ASP C 7 -19.01 0.44 -1.48
CA ASP C 7 -18.80 -0.96 -1.08
C ASP C 7 -19.26 -1.23 0.35
N ARG C 8 -20.48 -0.81 0.66
CA ARG C 8 -21.01 -0.98 2.01
C ARG C 8 -22.42 -1.57 2.02
N VAL C 9 -22.91 -1.83 3.23
CA VAL C 9 -24.26 -2.36 3.44
C VAL C 9 -24.77 -1.82 4.77
N VAL C 10 -26.08 -1.91 4.97
CA VAL C 10 -26.65 -1.49 6.24
C VAL C 10 -27.31 -2.72 6.82
N VAL C 11 -27.01 -3.00 8.07
CA VAL C 11 -27.60 -4.14 8.72
C VAL C 11 -28.27 -3.72 10.01
N LYS C 12 -29.29 -4.47 10.38
CA LYS C 12 -29.98 -4.25 11.64
C LYS C 12 -29.32 -5.32 12.51
N ARG C 13 -28.68 -4.91 13.61
CA ARG C 13 -28.00 -5.88 14.48
C ARG C 13 -29.01 -6.87 15.06
N ILE C 14 -28.53 -8.01 15.56
CA ILE C 14 -29.43 -9.01 16.14
C ILE C 14 -29.04 -9.39 17.56
N VAL C 25 -24.69 -16.34 36.10
CA VAL C 25 -23.24 -16.16 36.17
C VAL C 25 -22.58 -16.50 34.83
N LEU C 26 -21.39 -15.93 34.59
CA LEU C 26 -20.60 -16.15 33.36
C LEU C 26 -19.58 -15.01 33.21
N PRO C 27 -18.48 -15.25 32.48
CA PRO C 27 -17.48 -14.19 32.29
C PRO C 27 -18.02 -13.05 31.44
N ASP C 28 -17.76 -11.82 31.86
CA ASP C 28 -18.24 -10.62 31.17
C ASP C 28 -17.61 -10.44 29.78
N THR C 29 -16.43 -11.02 29.57
CA THR C 29 -15.73 -10.93 28.29
C THR C 29 -16.33 -11.91 27.28
N ALA C 30 -17.51 -12.44 27.63
CA ALA C 30 -18.22 -13.39 26.78
C ALA C 30 -19.05 -12.67 25.72
N LYS C 31 -18.84 -11.36 25.57
CA LYS C 31 -19.56 -10.58 24.57
C LYS C 31 -18.62 -10.07 23.47
N GLU C 32 -17.32 -10.08 23.73
CA GLU C 32 -16.31 -9.64 22.77
C GLU C 32 -16.21 -10.55 21.54
N LYS C 33 -17.30 -11.26 21.26
CA LYS C 33 -17.36 -12.16 20.14
C LYS C 33 -18.25 -11.57 19.05
N PRO C 34 -17.98 -11.93 17.79
CA PRO C 34 -18.63 -11.57 16.52
C PRO C 34 -20.06 -11.05 16.59
N GLN C 35 -20.48 -10.39 15.53
CA GLN C 35 -21.81 -9.84 15.48
C GLN C 35 -22.63 -10.41 14.33
N LYS C 36 -23.93 -10.52 14.56
CA LYS C 36 -24.86 -11.02 13.54
C LYS C 36 -25.81 -9.87 13.19
N GLY C 37 -26.07 -9.69 11.91
CA GLY C 37 -26.99 -8.65 11.51
C GLY C 37 -27.76 -9.08 10.29
N LYS C 38 -28.81 -8.35 9.97
CA LYS C 38 -29.59 -8.67 8.79
C LYS C 38 -29.33 -7.53 7.82
N VAL C 39 -28.95 -7.89 6.61
CA VAL C 39 -28.70 -6.89 5.60
C VAL C 39 -30.04 -6.31 5.14
N ILE C 40 -30.18 -4.99 5.22
CA ILE C 40 -31.42 -4.35 4.80
C ILE C 40 -31.19 -3.40 3.63
N ALA C 41 -29.93 -3.14 3.31
CA ALA C 41 -29.58 -2.25 2.21
C ALA C 41 -28.15 -2.51 1.76
N VAL C 42 -27.95 -2.60 0.45
CA VAL C 42 -26.63 -2.85 -0.09
C VAL C 42 -26.18 -1.81 -1.11
N GLY C 43 -24.90 -1.48 -1.04
CA GLY C 43 -24.32 -0.51 -1.94
C GLY C 43 -24.08 -1.06 -3.34
N THR C 44 -23.45 -0.22 -4.17
CA THR C 44 -23.13 -0.55 -5.55
C THR C 44 -21.83 -1.34 -5.62
N GLY C 45 -21.16 -1.43 -4.46
CA GLY C 45 -19.92 -2.16 -4.38
C GLY C 45 -18.68 -1.40 -4.80
N ARG C 46 -17.56 -2.11 -4.79
CA ARG C 46 -16.25 -1.60 -5.16
C ARG C 46 -16.02 -1.40 -6.66
N VAL C 47 -15.16 -0.45 -6.99
CA VAL C 47 -14.81 -0.15 -8.39
C VAL C 47 -13.33 -0.50 -8.57
N LEU C 48 -13.01 -1.20 -9.65
CA LEU C 48 -11.63 -1.60 -9.91
C LEU C 48 -10.88 -0.64 -10.82
N GLU C 49 -9.55 -0.69 -10.74
CA GLU C 49 -8.71 0.18 -11.53
C GLU C 49 -8.97 0.14 -13.02
N ASN C 50 -9.76 -0.83 -13.46
CA ASN C 50 -10.09 -0.97 -14.88
C ASN C 50 -11.50 -0.47 -15.14
N GLY C 51 -12.05 0.27 -14.18
CA GLY C 51 -13.38 0.83 -14.34
C GLY C 51 -14.55 -0.08 -14.01
N GLN C 52 -14.29 -1.38 -13.86
CA GLN C 52 -15.35 -2.36 -13.53
C GLN C 52 -15.83 -2.28 -12.09
N ARG C 53 -17.13 -2.44 -11.88
CA ARG C 53 -17.70 -2.39 -10.54
C ARG C 53 -18.09 -3.78 -10.04
N VAL C 54 -17.42 -4.26 -8.99
CA VAL C 54 -17.71 -5.56 -8.42
C VAL C 54 -18.88 -5.44 -7.44
N PRO C 55 -20.00 -6.08 -7.77
CA PRO C 55 -21.18 -6.03 -6.90
C PRO C 55 -20.97 -6.73 -5.56
N LEU C 56 -21.66 -6.24 -4.54
CA LEU C 56 -21.53 -6.85 -3.23
C LEU C 56 -21.92 -8.32 -3.32
N GLU C 57 -21.35 -9.13 -2.43
CA GLU C 57 -21.61 -10.57 -2.41
C GLU C 57 -22.83 -10.92 -1.56
N VAL C 58 -23.33 -9.96 -0.79
CA VAL C 58 -24.49 -10.22 0.02
C VAL C 58 -25.69 -9.48 -0.53
N LYS C 59 -26.89 -9.90 -0.12
CA LYS C 59 -28.10 -9.25 -0.58
C LYS C 59 -28.99 -8.97 0.62
N GLU C 60 -30.05 -8.20 0.39
CA GLU C 60 -30.96 -7.88 1.46
C GLU C 60 -31.51 -9.17 2.00
N GLY C 61 -31.66 -9.23 3.33
CA GLY C 61 -32.18 -10.42 3.96
C GLY C 61 -31.06 -11.23 4.57
N ASP C 62 -29.98 -11.44 3.82
CA ASP C 62 -28.87 -12.23 4.33
C ASP C 62 -28.53 -11.90 5.78
N ILE C 63 -28.09 -12.91 6.51
CA ILE C 63 -27.70 -12.67 7.87
C ILE C 63 -26.21 -12.86 7.85
N VAL C 64 -25.50 -11.76 8.08
CA VAL C 64 -24.06 -11.79 8.03
C VAL C 64 -23.47 -11.71 9.42
N VAL C 65 -22.21 -12.11 9.51
CA VAL C 65 -21.47 -12.08 10.76
C VAL C 65 -20.40 -11.05 10.46
N PHE C 66 -20.13 -10.17 11.42
CA PHE C 66 -19.12 -9.15 11.21
C PHE C 66 -18.31 -8.88 12.46
N ALA C 67 -17.10 -8.38 12.24
CA ALA C 67 -16.19 -8.05 13.32
C ALA C 67 -16.84 -7.18 14.39
N LYS C 68 -16.73 -7.61 15.64
CA LYS C 68 -17.29 -6.81 16.74
C LYS C 68 -16.58 -5.45 16.69
N TYR C 69 -17.28 -4.39 17.10
CA TYR C 69 -16.71 -3.04 17.06
C TYR C 69 -16.47 -2.54 15.63
N GLY C 70 -16.83 -3.36 14.64
CA GLY C 70 -16.62 -2.95 13.26
C GLY C 70 -17.77 -2.15 12.68
N GLY C 71 -17.50 -1.36 11.65
CA GLY C 71 -18.55 -0.57 11.03
C GLY C 71 -18.89 0.71 11.79
N THR C 72 -19.90 1.41 11.32
CA THR C 72 -20.33 2.65 11.95
C THR C 72 -21.79 2.56 12.42
N GLU C 73 -22.01 2.96 13.68
CA GLU C 73 -23.34 2.97 14.29
C GLU C 73 -24.03 4.27 13.90
N ILE C 74 -25.27 4.17 13.47
CA ILE C 74 -26.03 5.33 13.07
C ILE C 74 -27.40 5.09 13.63
N GLU C 75 -27.98 6.11 14.26
CA GLU C 75 -29.33 5.95 14.78
C GLU C 75 -30.29 6.90 14.07
N ILE C 76 -31.47 6.38 13.74
CA ILE C 76 -32.45 7.18 13.05
C ILE C 76 -33.85 6.84 13.51
N ASP C 77 -34.53 7.84 14.04
CA ASP C 77 -35.89 7.71 14.56
C ASP C 77 -35.94 6.70 15.68
N GLY C 78 -34.88 6.68 16.48
CA GLY C 78 -34.82 5.76 17.59
C GLY C 78 -34.42 4.33 17.24
N GLU C 79 -34.17 4.08 15.96
CA GLU C 79 -33.74 2.75 15.53
C GLU C 79 -32.23 2.78 15.27
N GLU C 80 -31.55 1.69 15.58
CA GLU C 80 -30.11 1.65 15.37
C GLU C 80 -29.70 0.72 14.23
N TYR C 81 -28.84 1.23 13.36
CA TYR C 81 -28.35 0.47 12.23
C TYR C 81 -26.83 0.48 12.19
N VAL C 82 -26.26 -0.44 11.42
CA VAL C 82 -24.82 -0.47 11.30
C VAL C 82 -24.41 -0.51 9.84
N ILE C 83 -23.57 0.46 9.45
CA ILE C 83 -23.07 0.54 8.11
C ILE C 83 -21.71 -0.16 8.16
N LEU C 84 -21.55 -1.18 7.33
CA LEU C 84 -20.34 -1.97 7.27
C LEU C 84 -19.84 -2.07 5.84
N SER C 85 -18.52 -2.11 5.68
CA SER C 85 -17.91 -2.25 4.36
C SER C 85 -17.93 -3.73 4.02
N GLU C 86 -18.00 -4.05 2.74
CA GLU C 86 -18.02 -5.45 2.34
C GLU C 86 -16.85 -6.22 2.94
N ARG C 87 -15.70 -5.56 3.09
CA ARG C 87 -14.52 -6.22 3.64
C ARG C 87 -14.66 -6.63 5.10
N ASP C 88 -15.66 -6.08 5.78
CA ASP C 88 -15.88 -6.38 7.19
C ASP C 88 -16.89 -7.49 7.40
N LEU C 89 -17.50 -7.95 6.32
CA LEU C 89 -18.47 -9.03 6.43
C LEU C 89 -17.71 -10.37 6.38
N LEU C 90 -17.66 -11.07 7.50
CA LEU C 90 -16.96 -12.36 7.58
C LEU C 90 -17.68 -13.44 6.78
N ALA C 91 -18.94 -13.69 7.13
CA ALA C 91 -19.69 -14.71 6.43
C ALA C 91 -21.19 -14.54 6.62
N VAL C 92 -21.95 -15.19 5.74
CA VAL C 92 -23.41 -15.19 5.75
C VAL C 92 -23.91 -16.46 6.44
N LEU C 93 -24.87 -16.31 7.35
CA LEU C 93 -25.44 -17.46 8.04
C LEU C 93 -26.75 -17.82 7.34
N GLN C 94 -26.81 -19.02 6.80
CA GLN C 94 -28.02 -19.47 6.14
C GLN C 94 -28.19 -20.96 6.44
N MET D 1 -25.05 -23.67 5.47
CA MET D 1 -24.88 -23.33 6.92
C MET D 1 -24.10 -22.01 7.07
N ILE D 2 -22.77 -22.10 7.08
CA ILE D 2 -21.97 -20.88 7.16
C ILE D 2 -21.37 -20.71 5.78
N LYS D 3 -21.56 -19.54 5.19
CA LYS D 3 -21.02 -19.25 3.87
C LYS D 3 -19.95 -18.17 4.08
N PRO D 4 -18.67 -18.55 4.01
CA PRO D 4 -17.65 -17.51 4.21
C PRO D 4 -17.69 -16.57 2.99
N LEU D 5 -17.33 -15.31 3.21
CA LEU D 5 -17.34 -14.37 2.09
C LEU D 5 -15.96 -14.10 1.52
N GLY D 6 -15.95 -13.96 0.20
CA GLY D 6 -14.71 -13.67 -0.50
C GLY D 6 -13.63 -14.72 -0.41
N ASP D 7 -12.45 -14.26 -0.05
CA ASP D 7 -11.27 -15.09 0.05
C ASP D 7 -11.13 -15.70 1.44
N ARG D 8 -12.20 -16.28 1.96
CA ARG D 8 -12.18 -16.87 3.30
C ARG D 8 -12.63 -18.33 3.40
N VAL D 9 -12.40 -18.93 4.56
CA VAL D 9 -12.78 -20.33 4.81
C VAL D 9 -13.20 -20.48 6.29
N VAL D 10 -14.02 -21.50 6.56
CA VAL D 10 -14.43 -21.75 7.94
C VAL D 10 -13.80 -23.07 8.32
N VAL D 11 -13.09 -23.11 9.45
CA VAL D 11 -12.45 -24.34 9.84
C VAL D 11 -12.73 -24.66 11.29
N LYS D 12 -12.86 -25.96 11.57
CA LYS D 12 -13.08 -26.42 12.93
C LYS D 12 -11.67 -26.68 13.45
N ARG D 13 -11.28 -25.99 14.53
CA ARG D 13 -9.93 -26.16 15.06
C ARG D 13 -9.78 -27.60 15.50
N ILE D 14 -8.55 -28.06 15.75
CA ILE D 14 -8.36 -29.45 16.15
C ILE D 14 -7.72 -29.75 17.51
N PRO D 34 1.62 -22.88 15.50
CA PRO D 34 0.88 -23.34 14.31
C PRO D 34 -0.42 -24.06 14.70
N GLN D 35 -1.42 -23.95 13.85
CA GLN D 35 -2.69 -24.58 14.15
C GLN D 35 -3.18 -25.50 13.04
N LYS D 36 -3.95 -26.51 13.44
CA LYS D 36 -4.54 -27.48 12.53
C LYS D 36 -6.05 -27.31 12.66
N GLY D 37 -6.75 -27.31 11.54
CA GLY D 37 -8.20 -27.18 11.58
C GLY D 37 -8.77 -27.90 10.38
N LYS D 38 -10.03 -28.29 10.42
CA LYS D 38 -10.61 -28.98 9.29
C LYS D 38 -11.45 -27.99 8.49
N VAL D 39 -11.19 -27.89 7.19
CA VAL D 39 -11.95 -26.95 6.36
C VAL D 39 -13.38 -27.44 6.19
N ILE D 40 -14.35 -26.74 6.80
CA ILE D 40 -15.76 -27.14 6.68
C ILE D 40 -16.53 -26.29 5.71
N ALA D 41 -16.00 -25.13 5.34
CA ALA D 41 -16.65 -24.20 4.38
C ALA D 41 -15.60 -23.31 3.71
N VAL D 42 -15.77 -23.07 2.41
CA VAL D 42 -14.83 -22.22 1.68
C VAL D 42 -15.55 -21.12 0.90
N GLY D 43 -14.99 -19.91 0.90
CA GLY D 43 -15.60 -18.80 0.18
C GLY D 43 -15.43 -18.90 -1.33
N THR D 44 -15.77 -17.83 -2.04
CA THR D 44 -15.68 -17.76 -3.50
C THR D 44 -14.31 -17.28 -3.95
N GLY D 45 -13.48 -16.93 -3.01
CA GLY D 45 -12.13 -16.49 -3.33
C GLY D 45 -11.96 -15.01 -3.59
N ARG D 46 -10.71 -14.64 -3.81
CA ARG D 46 -10.30 -13.27 -4.08
C ARG D 46 -10.66 -12.79 -5.50
N VAL D 47 -10.93 -11.49 -5.61
CA VAL D 47 -11.25 -10.85 -6.88
C VAL D 47 -10.01 -10.06 -7.28
N LEU D 48 -9.59 -10.19 -8.53
CA LEU D 48 -8.43 -9.47 -9.02
C LEU D 48 -8.88 -8.16 -9.69
N GLU D 49 -7.92 -7.29 -10.00
CA GLU D 49 -8.25 -6.02 -10.64
C GLU D 49 -8.83 -6.17 -12.05
N ASN D 50 -8.61 -7.32 -12.68
CA ASN D 50 -9.11 -7.53 -14.02
C ASN D 50 -10.50 -8.09 -13.92
N GLY D 51 -10.98 -8.20 -12.70
CA GLY D 51 -12.32 -8.72 -12.48
C GLY D 51 -12.39 -10.20 -12.18
N GLN D 52 -11.39 -10.96 -12.64
CA GLN D 52 -11.38 -12.39 -12.42
C GLN D 52 -11.42 -12.73 -10.94
N ARG D 53 -11.98 -13.90 -10.63
CA ARG D 53 -12.11 -14.36 -9.26
C ARG D 53 -11.28 -15.62 -9.05
N VAL D 54 -10.20 -15.49 -8.30
CA VAL D 54 -9.33 -16.62 -8.02
C VAL D 54 -9.98 -17.53 -6.98
N PRO D 55 -10.16 -18.82 -7.33
CA PRO D 55 -10.77 -19.82 -6.44
C PRO D 55 -9.83 -20.20 -5.32
N LEU D 56 -10.40 -20.50 -4.15
CA LEU D 56 -9.58 -20.89 -3.01
C LEU D 56 -8.82 -22.16 -3.36
N GLU D 57 -7.64 -22.31 -2.75
CA GLU D 57 -6.79 -23.47 -3.03
C GLU D 57 -7.04 -24.62 -2.02
N VAL D 58 -8.13 -24.56 -1.29
CA VAL D 58 -8.45 -25.63 -0.35
C VAL D 58 -9.93 -25.99 -0.48
N LYS D 59 -10.27 -27.26 -0.29
CA LYS D 59 -11.66 -27.67 -0.39
C LYS D 59 -12.13 -28.20 0.96
N GLU D 60 -13.44 -28.42 1.10
CA GLU D 60 -13.95 -28.91 2.36
C GLU D 60 -13.36 -30.26 2.66
N GLY D 61 -13.10 -30.51 3.94
CA GLY D 61 -12.49 -31.75 4.35
C GLY D 61 -11.02 -31.54 4.67
N ASP D 62 -10.28 -30.90 3.76
CA ASP D 62 -8.85 -30.61 3.94
C ASP D 62 -8.48 -30.20 5.36
N ILE D 63 -7.33 -30.69 5.80
CA ILE D 63 -6.83 -30.33 7.11
C ILE D 63 -5.79 -29.29 6.77
N VAL D 64 -5.98 -28.07 7.26
CA VAL D 64 -5.03 -27.00 6.98
C VAL D 64 -4.26 -26.63 8.23
N VAL D 65 -3.10 -26.01 8.01
CA VAL D 65 -2.24 -25.55 9.08
C VAL D 65 -2.31 -24.06 8.95
N PHE D 66 -2.62 -23.35 10.03
CA PHE D 66 -2.67 -21.90 9.93
C PHE D 66 -1.92 -21.23 11.04
N ALA D 67 -1.70 -19.94 10.87
CA ALA D 67 -0.98 -19.13 11.84
C ALA D 67 -1.69 -19.09 13.20
N LYS D 68 -0.90 -19.25 14.26
CA LYS D 68 -1.42 -19.20 15.63
C LYS D 68 -2.03 -17.79 15.80
N TYR D 69 -3.08 -17.66 16.62
CA TYR D 69 -3.66 -16.33 16.81
C TYR D 69 -4.18 -15.70 15.51
N GLY D 70 -4.18 -16.45 14.41
CA GLY D 70 -4.66 -15.88 13.16
C GLY D 70 -6.15 -16.12 12.99
N GLY D 71 -6.82 -15.32 12.19
CA GLY D 71 -8.25 -15.51 12.00
C GLY D 71 -9.17 -15.04 13.13
N THR D 72 -10.48 -15.19 12.94
CA THR D 72 -11.47 -14.77 13.91
C THR D 72 -12.26 -15.94 14.48
N GLU D 73 -12.30 -16.01 15.80
CA GLU D 73 -13.03 -17.06 16.51
C GLU D 73 -14.51 -16.76 16.42
N ILE D 74 -15.32 -17.76 16.11
CA ILE D 74 -16.75 -17.56 16.02
C ILE D 74 -17.47 -18.77 16.55
N GLU D 75 -18.23 -18.56 17.63
CA GLU D 75 -18.98 -19.64 18.24
C GLU D 75 -20.40 -19.62 17.69
N ILE D 76 -20.88 -20.80 17.28
CA ILE D 76 -22.23 -20.96 16.75
C ILE D 76 -22.80 -22.29 17.17
N ASP D 77 -23.81 -22.24 18.04
CA ASP D 77 -24.45 -23.45 18.56
C ASP D 77 -23.43 -24.25 19.36
N GLY D 78 -22.75 -23.55 20.28
CA GLY D 78 -21.76 -24.20 21.12
C GLY D 78 -20.51 -24.64 20.39
N GLU D 79 -20.63 -24.70 19.07
CA GLU D 79 -19.52 -25.10 18.24
C GLU D 79 -18.66 -23.89 17.92
N GLU D 80 -17.35 -24.06 18.11
CA GLU D 80 -16.42 -22.99 17.81
C GLU D 80 -15.73 -23.27 16.50
N TYR D 81 -15.65 -22.23 15.67
CA TYR D 81 -14.99 -22.35 14.40
C TYR D 81 -14.07 -21.16 14.29
N VAL D 82 -13.30 -21.13 13.21
CA VAL D 82 -12.41 -20.02 13.00
C VAL D 82 -12.50 -19.64 11.54
N ILE D 83 -12.83 -18.38 11.30
CA ILE D 83 -12.92 -17.89 9.94
C ILE D 83 -11.51 -17.44 9.63
N LEU D 84 -11.00 -17.85 8.49
CA LEU D 84 -9.65 -17.46 8.12
C LEU D 84 -9.63 -17.03 6.68
N SER D 85 -8.61 -16.24 6.37
CA SER D 85 -8.41 -15.76 5.02
C SER D 85 -7.44 -16.72 4.36
N GLU D 86 -7.64 -16.97 3.08
CA GLU D 86 -6.76 -17.88 2.38
C GLU D 86 -5.29 -17.57 2.63
N ARG D 87 -4.93 -16.29 2.62
CA ARG D 87 -3.54 -15.92 2.84
C ARG D 87 -3.00 -16.33 4.23
N ASP D 88 -3.89 -16.73 5.14
CA ASP D 88 -3.46 -17.17 6.46
C ASP D 88 -3.27 -18.68 6.54
N LEU D 89 -3.62 -19.35 5.45
CA LEU D 89 -3.48 -20.79 5.34
C LEU D 89 -2.08 -21.12 4.82
N LEU D 90 -1.27 -21.74 5.66
CA LEU D 90 0.09 -22.11 5.32
C LEU D 90 0.22 -23.33 4.42
N ALA D 91 -0.44 -24.41 4.80
CA ALA D 91 -0.36 -25.64 4.03
C ALA D 91 -1.53 -26.56 4.28
N VAL D 92 -1.61 -27.61 3.48
CA VAL D 92 -2.65 -28.63 3.63
C VAL D 92 -1.93 -29.88 4.08
N LEU D 93 -2.44 -30.54 5.12
CA LEU D 93 -1.81 -31.76 5.60
C LEU D 93 -2.53 -32.96 5.01
N GLN D 94 -1.82 -33.72 4.18
CA GLN D 94 -2.43 -34.88 3.56
C GLN D 94 -1.52 -36.12 3.47
N MET E 1 2.17 -35.45 1.90
CA MET E 1 2.40 -35.16 3.36
C MET E 1 2.01 -33.73 3.66
N ILE E 2 2.96 -32.81 3.47
CA ILE E 2 2.72 -31.39 3.70
C ILE E 2 2.68 -30.62 2.38
N LYS E 3 1.49 -30.18 1.97
CA LYS E 3 1.36 -29.44 0.73
C LYS E 3 1.39 -27.95 1.04
N PRO E 4 2.47 -27.25 0.64
CA PRO E 4 2.56 -25.82 0.94
C PRO E 4 1.52 -25.11 0.08
N LEU E 5 0.86 -24.10 0.65
CA LEU E 5 -0.16 -23.37 -0.09
C LEU E 5 0.32 -22.06 -0.69
N GLY E 6 -0.03 -21.85 -1.96
CA GLY E 6 0.34 -20.63 -2.63
C GLY E 6 1.81 -20.44 -2.91
N ASP E 7 2.31 -19.25 -2.55
CA ASP E 7 3.70 -18.89 -2.78
C ASP E 7 4.65 -19.36 -1.68
N ARG E 8 4.55 -20.63 -1.32
CA ARG E 8 5.39 -21.18 -0.27
C ARG E 8 6.09 -22.48 -0.65
N VAL E 9 6.99 -22.93 0.21
CA VAL E 9 7.69 -24.20 0.02
C VAL E 9 7.89 -24.82 1.38
N VAL E 10 8.19 -26.12 1.40
CA VAL E 10 8.46 -26.78 2.67
C VAL E 10 9.91 -27.25 2.60
N VAL E 11 10.68 -26.96 3.64
CA VAL E 11 12.07 -27.38 3.67
C VAL E 11 12.42 -28.17 4.94
N LYS E 12 13.49 -28.97 4.81
CA LYS E 12 14.00 -29.71 5.93
C LYS E 12 15.25 -28.89 6.27
N ARG E 13 15.30 -28.34 7.48
CA ARG E 13 16.43 -27.54 7.90
C ARG E 13 17.67 -28.42 7.92
N ILE E 14 18.83 -27.86 7.66
CA ILE E 14 20.06 -28.64 7.66
C ILE E 14 20.99 -28.29 8.81
N PRO E 34 21.89 -17.06 9.34
CA PRO E 34 21.29 -17.54 8.10
C PRO E 34 20.95 -19.02 8.26
N GLN E 35 19.99 -19.51 7.48
CA GLN E 35 19.58 -20.90 7.61
C GLN E 35 19.68 -21.60 6.28
N LYS E 36 20.06 -22.88 6.31
CA LYS E 36 20.14 -23.67 5.09
C LYS E 36 19.05 -24.74 5.24
N GLY E 37 18.50 -25.17 4.12
CA GLY E 37 17.48 -26.20 4.17
C GLY E 37 17.30 -26.86 2.82
N LYS E 38 16.77 -28.07 2.80
CA LYS E 38 16.56 -28.74 1.54
C LYS E 38 15.07 -28.60 1.22
N VAL E 39 14.75 -28.20 0.00
CA VAL E 39 13.35 -28.03 -0.41
C VAL E 39 12.75 -29.40 -0.64
N ILE E 40 11.62 -29.67 0.02
CA ILE E 40 10.96 -30.96 -0.16
C ILE E 40 9.55 -30.89 -0.80
N ALA E 41 8.95 -29.71 -0.80
CA ALA E 41 7.64 -29.54 -1.40
C ALA E 41 7.52 -28.09 -1.81
N VAL E 42 6.92 -27.84 -2.98
CA VAL E 42 6.76 -26.47 -3.43
C VAL E 42 5.30 -26.13 -3.76
N GLY E 43 4.90 -24.92 -3.41
CA GLY E 43 3.54 -24.49 -3.65
C GLY E 43 3.30 -24.22 -5.12
N THR E 44 2.13 -23.69 -5.45
CA THR E 44 1.78 -23.39 -6.82
C THR E 44 2.21 -21.97 -7.24
N GLY E 45 2.80 -21.22 -6.31
CA GLY E 45 3.26 -19.89 -6.64
C GLY E 45 2.26 -18.79 -6.46
N ARG E 46 2.76 -17.56 -6.52
CA ARG E 46 1.97 -16.34 -6.37
C ARG E 46 1.07 -16.05 -7.57
N VAL E 47 -0.11 -15.51 -7.32
CA VAL E 47 -1.05 -15.16 -8.40
C VAL E 47 -1.00 -13.66 -8.64
N LEU E 48 -0.85 -13.26 -9.89
CA LEU E 48 -0.78 -11.85 -10.25
C LEU E 48 -2.14 -11.25 -10.57
N GLU E 49 -2.25 -9.93 -10.39
CA GLU E 49 -3.50 -9.24 -10.65
C GLU E 49 -4.04 -9.44 -12.07
N ASN E 50 -3.20 -9.90 -12.99
CA ASN E 50 -3.63 -10.13 -14.36
C ASN E 50 -4.08 -11.58 -14.50
N GLY E 51 -4.14 -12.27 -13.37
CA GLY E 51 -4.57 -13.65 -13.37
C GLY E 51 -3.46 -14.68 -13.46
N GLN E 52 -2.34 -14.32 -14.07
CA GLN E 52 -1.22 -15.25 -14.23
C GLN E 52 -0.66 -15.76 -12.91
N ARG E 53 -0.10 -16.97 -12.95
CA ARG E 53 0.49 -17.57 -11.76
C ARG E 53 2.00 -17.71 -11.95
N VAL E 54 2.78 -17.09 -11.08
CA VAL E 54 4.24 -17.16 -11.19
C VAL E 54 4.77 -18.36 -10.41
N PRO E 55 5.44 -19.29 -11.11
CA PRO E 55 5.98 -20.47 -10.45
C PRO E 55 7.07 -20.11 -9.47
N LEU E 56 7.30 -20.97 -8.50
CA LEU E 56 8.36 -20.70 -7.55
C LEU E 56 9.68 -20.82 -8.31
N GLU E 57 10.69 -20.08 -7.85
CA GLU E 57 11.99 -20.11 -8.49
C GLU E 57 12.90 -21.21 -7.91
N VAL E 58 12.34 -22.12 -7.10
CA VAL E 58 13.11 -23.22 -6.55
C VAL E 58 12.35 -24.53 -6.86
N LYS E 59 13.04 -25.66 -6.73
CA LYS E 59 12.42 -26.96 -7.00
C LYS E 59 12.87 -27.92 -5.92
N GLU E 60 12.20 -29.08 -5.81
CA GLU E 60 12.58 -30.05 -4.78
C GLU E 60 14.05 -30.40 -4.94
N GLY E 61 14.72 -30.60 -3.81
CA GLY E 61 16.12 -30.94 -3.83
C GLY E 61 17.04 -29.74 -3.62
N ASP E 62 16.59 -28.59 -4.09
CA ASP E 62 17.36 -27.36 -3.95
C ASP E 62 17.70 -27.05 -2.50
N ILE E 63 18.89 -26.51 -2.29
CA ILE E 63 19.31 -26.12 -0.96
C ILE E 63 19.19 -24.60 -0.88
N VAL E 64 18.14 -24.16 -0.21
CA VAL E 64 17.86 -22.76 -0.10
C VAL E 64 18.37 -22.13 1.17
N VAL E 65 18.70 -20.84 1.06
CA VAL E 65 19.17 -20.03 2.18
C VAL E 65 18.04 -19.09 2.59
N PHE E 66 17.68 -19.09 3.87
CA PHE E 66 16.63 -18.20 4.31
C PHE E 66 17.00 -17.47 5.59
N ALA E 67 16.31 -16.37 5.83
CA ALA E 67 16.55 -15.55 7.00
C ALA E 67 16.30 -16.31 8.30
N LYS E 68 17.22 -16.20 9.24
CA LYS E 68 17.10 -16.82 10.56
C LYS E 68 15.77 -16.33 11.20
N TYR E 69 15.06 -17.22 11.90
CA TYR E 69 13.79 -16.86 12.52
C TYR E 69 12.70 -16.69 11.47
N GLY E 70 13.04 -16.99 10.22
CA GLY E 70 12.07 -16.86 9.15
C GLY E 70 11.27 -18.13 8.99
N GLY E 71 10.03 -18.00 8.51
CA GLY E 71 9.20 -19.16 8.31
C GLY E 71 8.37 -19.65 9.49
N THR E 72 7.73 -20.80 9.30
CA THR E 72 6.91 -21.42 10.33
C THR E 72 7.39 -22.83 10.61
N GLU E 73 7.70 -23.09 11.88
CA GLU E 73 8.16 -24.40 12.32
C GLU E 73 6.94 -25.28 12.56
N ILE E 74 6.93 -26.46 11.97
CA ILE E 74 5.82 -27.38 12.13
C ILE E 74 6.42 -28.72 12.43
N GLU E 75 5.82 -29.47 13.33
CA GLU E 75 6.33 -30.80 13.63
C GLU E 75 5.26 -31.88 13.38
N ILE E 76 5.71 -32.97 12.77
CA ILE E 76 4.81 -34.06 12.46
C ILE E 76 5.53 -35.39 12.62
N ASP E 77 5.04 -36.18 13.57
CA ASP E 77 5.57 -37.49 13.93
C ASP E 77 6.99 -37.38 14.41
N GLY E 78 7.31 -36.27 15.04
CA GLY E 78 8.64 -36.10 15.56
C GLY E 78 9.62 -35.52 14.56
N GLU E 79 9.18 -35.33 13.32
CA GLU E 79 10.05 -34.74 12.32
C GLU E 79 9.75 -33.26 12.25
N GLU E 80 10.77 -32.45 11.98
CA GLU E 80 10.54 -31.03 11.88
C GLU E 80 10.65 -30.52 10.47
N TYR E 81 9.82 -29.53 10.16
CA TYR E 81 9.83 -28.93 8.85
C TYR E 81 9.67 -27.43 8.99
N VAL E 82 10.01 -26.70 7.93
CA VAL E 82 9.84 -25.26 7.96
C VAL E 82 9.07 -24.82 6.74
N ILE E 83 7.95 -24.15 6.96
CA ILE E 83 7.15 -23.63 5.86
C ILE E 83 7.63 -22.20 5.64
N LEU E 84 8.15 -21.93 4.45
CA LEU E 84 8.65 -20.62 4.07
C LEU E 84 7.99 -20.14 2.77
N SER E 85 7.77 -18.84 2.64
CA SER E 85 7.20 -18.29 1.42
C SER E 85 8.36 -17.85 0.52
N GLU E 86 8.13 -17.86 -0.77
CA GLU E 86 9.17 -17.50 -1.73
C GLU E 86 9.96 -16.25 -1.36
N ARG E 87 9.28 -15.19 -0.96
CA ARG E 87 9.95 -13.95 -0.61
C ARG E 87 10.93 -14.09 0.54
N ASP E 88 10.87 -15.19 1.28
CA ASP E 88 11.78 -15.43 2.40
C ASP E 88 13.00 -16.24 1.98
N LEU E 89 13.03 -16.66 0.72
CA LEU E 89 14.13 -17.45 0.19
C LEU E 89 15.17 -16.53 -0.44
N LEU E 90 16.29 -16.36 0.24
CA LEU E 90 17.34 -15.49 -0.23
C LEU E 90 18.08 -16.04 -1.43
N ALA E 91 18.53 -17.28 -1.36
CA ALA E 91 19.28 -17.84 -2.48
C ALA E 91 19.29 -19.35 -2.48
N VAL E 92 19.86 -19.89 -3.55
CA VAL E 92 20.03 -21.34 -3.69
C VAL E 92 21.53 -21.62 -3.65
N LEU E 93 21.95 -22.59 -2.86
CA LEU E 93 23.37 -22.95 -2.82
C LEU E 93 23.50 -24.15 -3.74
N GLN E 94 24.25 -23.99 -4.82
CA GLN E 94 24.46 -25.08 -5.75
C GLN E 94 25.86 -24.98 -6.36
N MET F 1 27.56 -21.33 -7.32
CA MET F 1 27.96 -21.13 -5.89
C MET F 1 26.73 -20.61 -5.15
N ILE F 2 26.61 -19.29 -5.00
CA ILE F 2 25.45 -18.69 -4.33
C ILE F 2 24.56 -18.05 -5.38
N LYS F 3 23.39 -18.63 -5.63
CA LYS F 3 22.47 -18.09 -6.63
C LYS F 3 21.40 -17.21 -5.99
N PRO F 4 21.55 -15.89 -6.11
CA PRO F 4 20.55 -15.00 -5.52
C PRO F 4 19.19 -15.27 -6.11
N LEU F 5 18.16 -15.15 -5.29
CA LEU F 5 16.82 -15.39 -5.76
C LEU F 5 16.02 -14.12 -5.98
N GLY F 6 15.34 -14.08 -7.11
CA GLY F 6 14.50 -12.96 -7.46
C GLY F 6 15.21 -11.65 -7.69
N ASP F 7 14.76 -10.64 -6.96
CA ASP F 7 15.27 -9.28 -7.05
C ASP F 7 16.48 -9.05 -6.11
N ARG F 8 17.45 -9.96 -6.14
CA ARG F 8 18.62 -9.84 -5.26
C ARG F 8 19.98 -9.95 -5.94
N VAL F 9 21.06 -9.77 -5.17
CA VAL F 9 22.41 -9.90 -5.70
C VAL F 9 23.33 -10.30 -4.56
N VAL F 10 24.44 -10.95 -4.88
CA VAL F 10 25.40 -11.34 -3.87
C VAL F 10 26.63 -10.45 -4.07
N VAL F 11 27.05 -9.71 -3.05
CA VAL F 11 28.22 -8.87 -3.24
C VAL F 11 29.28 -9.32 -2.28
N LYS F 12 30.54 -9.08 -2.63
CA LYS F 12 31.65 -9.41 -1.74
C LYS F 12 32.05 -8.06 -1.20
N ARG F 13 32.05 -7.93 0.12
CA ARG F 13 32.38 -6.66 0.75
C ARG F 13 33.83 -6.25 0.49
N ILE F 14 34.14 -4.95 0.61
CA ILE F 14 35.49 -4.46 0.35
C ILE F 14 36.23 -3.81 1.55
N PRO F 34 27.32 3.56 5.41
CA PRO F 34 27.29 3.10 4.01
C PRO F 34 28.38 2.08 3.74
N GLN F 35 28.05 1.12 2.87
CA GLN F 35 28.96 0.03 2.53
C GLN F 35 29.31 -0.08 1.05
N LYS F 36 30.52 -0.55 0.77
CA LYS F 36 30.99 -0.77 -0.62
C LYS F 36 31.25 -2.26 -0.80
N GLY F 37 30.80 -2.81 -1.90
CA GLY F 37 31.02 -4.21 -2.18
C GLY F 37 31.03 -4.45 -3.67
N LYS F 38 31.52 -5.60 -4.10
CA LYS F 38 31.56 -5.93 -5.51
C LYS F 38 30.48 -6.94 -5.83
N VAL F 39 29.64 -6.61 -6.82
CA VAL F 39 28.57 -7.51 -7.21
C VAL F 39 29.25 -8.70 -7.85
N ILE F 40 28.93 -9.90 -7.38
CA ILE F 40 29.52 -11.11 -7.93
C ILE F 40 28.46 -12.05 -8.50
N ALA F 41 27.20 -11.73 -8.27
CA ALA F 41 26.11 -12.54 -8.78
C ALA F 41 24.82 -11.76 -8.67
N VAL F 42 23.99 -11.86 -9.69
CA VAL F 42 22.73 -11.16 -9.66
C VAL F 42 21.57 -12.10 -9.90
N GLY F 43 20.42 -11.74 -9.34
CA GLY F 43 19.23 -12.56 -9.50
C GLY F 43 18.50 -12.27 -10.79
N THR F 44 17.35 -12.90 -10.94
CA THR F 44 16.51 -12.75 -12.11
C THR F 44 15.68 -11.47 -12.07
N GLY F 45 15.68 -10.79 -10.94
CA GLY F 45 14.92 -9.56 -10.85
C GLY F 45 13.50 -9.70 -10.36
N ARG F 46 12.84 -8.55 -10.21
CA ARG F 46 11.46 -8.44 -9.75
C ARG F 46 10.41 -8.75 -10.81
N VAL F 47 9.28 -9.34 -10.39
CA VAL F 47 8.21 -9.67 -11.33
C VAL F 47 7.07 -8.68 -11.14
N LEU F 48 6.61 -8.10 -12.24
CA LEU F 48 5.52 -7.13 -12.22
C LEU F 48 4.16 -7.79 -12.31
N GLU F 49 3.13 -7.08 -11.84
CA GLU F 49 1.77 -7.59 -11.84
C GLU F 49 1.19 -7.92 -13.21
N ASN F 50 1.95 -7.69 -14.25
CA ASN F 50 1.52 -7.97 -15.60
C ASN F 50 2.36 -9.11 -16.11
N GLY F 51 3.07 -9.77 -15.20
CA GLY F 51 3.92 -10.89 -15.57
C GLY F 51 5.35 -10.47 -15.88
N GLN F 52 5.52 -9.30 -16.49
CA GLN F 52 6.86 -8.83 -16.86
C GLN F 52 7.90 -8.86 -15.75
N ARG F 53 9.11 -9.29 -16.12
CA ARG F 53 10.21 -9.38 -15.18
C ARG F 53 11.27 -8.28 -15.41
N VAL F 54 11.46 -7.47 -14.38
CA VAL F 54 12.42 -6.37 -14.41
C VAL F 54 13.79 -6.85 -13.95
N PRO F 55 14.76 -6.89 -14.87
CA PRO F 55 16.13 -7.33 -14.61
C PRO F 55 16.78 -6.43 -13.56
N LEU F 56 17.87 -6.87 -12.94
CA LEU F 56 18.52 -6.00 -11.95
C LEU F 56 19.25 -4.89 -12.68
N GLU F 57 19.45 -3.77 -12.03
CA GLU F 57 20.11 -2.65 -12.69
C GLU F 57 21.61 -2.63 -12.48
N VAL F 58 22.15 -3.70 -11.90
CA VAL F 58 23.59 -3.81 -11.70
C VAL F 58 24.04 -5.10 -12.38
N LYS F 59 25.34 -5.24 -12.59
CA LYS F 59 25.86 -6.44 -13.21
C LYS F 59 27.09 -6.84 -12.43
N GLU F 60 27.61 -8.05 -12.69
CA GLU F 60 28.79 -8.51 -11.98
C GLU F 60 29.95 -7.55 -12.21
N GLY F 61 30.72 -7.30 -11.17
CA GLY F 61 31.84 -6.39 -11.28
C GLY F 61 31.56 -5.01 -10.74
N ASP F 62 30.30 -4.60 -10.80
CA ASP F 62 29.87 -3.29 -10.30
C ASP F 62 30.20 -3.11 -8.82
N ILE F 63 30.77 -1.97 -8.47
CA ILE F 63 31.07 -1.68 -7.07
C ILE F 63 29.84 -0.92 -6.62
N VAL F 64 29.08 -1.49 -5.70
CA VAL F 64 27.87 -0.83 -5.24
C VAL F 64 28.00 -0.30 -3.84
N VAL F 65 27.16 0.70 -3.53
CA VAL F 65 27.12 1.31 -2.20
C VAL F 65 25.81 0.85 -1.64
N PHE F 66 25.84 0.19 -0.50
CA PHE F 66 24.60 -0.30 0.07
C PHE F 66 24.39 0.05 1.53
N ALA F 67 23.11 0.14 1.89
CA ALA F 67 22.69 0.46 3.24
C ALA F 67 23.45 -0.31 4.32
N LYS F 68 24.05 0.41 5.27
CA LYS F 68 24.78 -0.23 6.37
C LYS F 68 23.72 -1.07 7.10
N TYR F 69 24.12 -2.20 7.69
CA TYR F 69 23.18 -3.07 8.38
C TYR F 69 22.11 -3.63 7.43
N GLY F 70 22.25 -3.40 6.12
CA GLY F 70 21.28 -3.92 5.17
C GLY F 70 21.70 -5.29 4.65
N GLY F 71 20.74 -6.10 4.19
CA GLY F 71 21.06 -7.42 3.67
C GLY F 71 21.51 -8.51 4.66
N THR F 72 21.66 -9.71 4.14
CA THR F 72 22.05 -10.86 4.94
C THR F 72 23.48 -11.37 4.74
N GLU F 73 24.21 -11.45 5.85
CA GLU F 73 25.59 -11.94 5.83
C GLU F 73 25.55 -13.45 5.73
N ILE F 74 26.41 -14.04 4.90
CA ILE F 74 26.46 -15.48 4.73
C ILE F 74 27.91 -15.85 4.51
N GLU F 75 28.41 -16.78 5.31
CA GLU F 75 29.79 -17.21 5.14
C GLU F 75 29.81 -18.58 4.50
N ILE F 76 30.79 -18.83 3.66
CA ILE F 76 30.90 -20.13 2.97
C ILE F 76 32.36 -20.37 2.62
N ASP F 77 32.94 -21.38 3.26
CA ASP F 77 34.34 -21.74 3.04
C ASP F 77 35.26 -20.61 3.48
N GLY F 78 34.96 -20.01 4.62
CA GLY F 78 35.80 -18.93 5.11
C GLY F 78 35.60 -17.61 4.39
N GLU F 79 34.80 -17.61 3.33
CA GLU F 79 34.54 -16.39 2.61
C GLU F 79 33.22 -15.79 3.08
N GLU F 80 33.17 -14.46 3.19
CA GLU F 80 31.95 -13.77 3.60
C GLU F 80 31.28 -13.05 2.46
N TYR F 81 29.97 -13.18 2.39
CA TYR F 81 29.21 -12.52 1.35
C TYR F 81 28.02 -11.80 1.96
N VAL F 82 27.32 -11.04 1.13
CA VAL F 82 26.13 -10.34 1.57
C VAL F 82 25.08 -10.47 0.49
N ILE F 83 23.93 -11.01 0.86
CA ILE F 83 22.84 -11.14 -0.09
C ILE F 83 22.07 -9.83 0.13
N LEU F 84 21.75 -9.13 -0.96
CA LEU F 84 21.07 -7.86 -0.86
C LEU F 84 19.97 -7.74 -1.88
N SER F 85 18.93 -7.00 -1.53
CA SER F 85 17.78 -6.73 -2.38
C SER F 85 18.16 -5.54 -3.26
N GLU F 86 17.54 -5.43 -4.43
CA GLU F 86 17.87 -4.33 -5.34
C GLU F 86 17.53 -3.00 -4.70
N ARG F 87 16.50 -2.99 -3.88
CA ARG F 87 16.10 -1.76 -3.22
C ARG F 87 17.15 -1.29 -2.23
N ASP F 88 18.02 -2.19 -1.78
CA ASP F 88 19.07 -1.82 -0.82
C ASP F 88 20.32 -1.29 -1.46
N LEU F 89 20.35 -1.33 -2.78
CA LEU F 89 21.50 -0.87 -3.53
C LEU F 89 21.32 0.61 -3.89
N LEU F 90 22.04 1.47 -3.17
CA LEU F 90 21.99 2.94 -3.34
C LEU F 90 22.47 3.41 -4.70
N ALA F 91 23.72 3.07 -5.00
CA ALA F 91 24.35 3.45 -6.25
C ALA F 91 25.54 2.58 -6.60
N VAL F 92 26.03 2.81 -7.80
CA VAL F 92 27.19 2.13 -8.33
C VAL F 92 28.32 3.17 -8.43
N LEU F 93 29.47 2.86 -7.81
CA LEU F 93 30.64 3.73 -7.86
C LEU F 93 31.47 3.33 -9.07
N GLN F 94 31.70 4.26 -9.99
CA GLN F 94 32.49 3.95 -11.18
C GLN F 94 33.30 5.16 -11.65
N MET G 1 31.34 8.79 -12.02
CA MET G 1 31.67 8.69 -10.56
C MET G 1 30.56 7.92 -9.86
N ILE G 2 29.59 8.62 -9.25
CA ILE G 2 28.49 7.94 -8.56
C ILE G 2 27.32 7.77 -9.50
N LYS G 3 26.82 6.56 -9.63
CA LYS G 3 25.69 6.33 -10.49
C LYS G 3 24.53 5.85 -9.64
N PRO G 4 23.56 6.75 -9.35
CA PRO G 4 22.40 6.40 -8.51
C PRO G 4 21.65 5.27 -9.18
N LEU G 5 21.06 4.40 -8.39
CA LEU G 5 20.32 3.33 -9.00
C LEU G 5 18.84 3.61 -8.99
N GLY G 6 18.17 3.17 -10.04
CA GLY G 6 16.74 3.33 -10.13
C GLY G 6 16.22 4.74 -10.17
N ASP G 7 15.24 4.99 -9.31
CA ASP G 7 14.55 6.27 -9.19
C ASP G 7 15.25 7.25 -8.23
N ARG G 8 16.59 7.30 -8.26
CA ARG G 8 17.36 8.16 -7.35
C ARG G 8 18.28 9.23 -7.98
N VAL G 9 18.75 10.16 -7.16
CA VAL G 9 19.65 11.19 -7.64
C VAL G 9 20.67 11.45 -6.54
N VAL G 10 21.85 11.92 -6.91
CA VAL G 10 22.84 12.22 -5.89
C VAL G 10 23.03 13.72 -5.88
N VAL G 11 22.74 14.34 -4.74
CA VAL G 11 22.89 15.77 -4.66
C VAL G 11 23.88 16.17 -3.59
N LYS G 12 24.59 17.27 -3.86
CA LYS G 12 25.52 17.81 -2.90
C LYS G 12 24.71 18.90 -2.20
N ARG G 13 24.60 18.80 -0.89
CA ARG G 13 23.84 19.78 -0.13
C ARG G 13 24.46 21.18 -0.26
N ILE G 14 23.67 22.19 0.12
CA ILE G 14 24.10 23.59 0.08
C ILE G 14 23.75 24.22 1.43
N GLU G 15 24.71 24.84 2.10
CA GLU G 15 24.40 25.45 3.38
C GLU G 15 23.65 26.76 3.17
N GLU G 16 22.60 26.95 3.96
CA GLU G 16 21.78 28.15 3.84
C GLU G 16 22.55 29.40 4.29
N GLU G 17 22.07 30.54 3.87
CA GLU G 17 22.67 31.81 4.23
C GLU G 17 22.33 32.14 5.69
N PRO G 18 23.32 32.58 6.48
CA PRO G 18 23.13 32.92 7.89
C PRO G 18 22.26 34.16 8.14
N LYS G 19 21.44 34.09 9.18
CA LYS G 19 20.58 35.21 9.56
C LYS G 19 21.29 36.01 10.64
N THR G 20 21.19 37.33 10.55
CA THR G 20 21.81 38.19 11.53
C THR G 20 20.81 39.24 12.02
N LYS G 21 20.67 39.32 13.34
CA LYS G 21 19.77 40.26 14.00
C LYS G 21 20.69 41.19 14.79
N GLY G 22 21.90 41.34 14.28
CA GLY G 22 22.93 42.15 14.91
C GLY G 22 24.10 41.20 15.01
N GLY G 23 23.87 40.05 15.65
CA GLY G 23 24.88 39.02 15.81
C GLY G 23 24.82 38.01 14.67
N ILE G 24 24.23 36.84 14.91
CA ILE G 24 24.14 35.82 13.86
C ILE G 24 23.27 34.58 14.21
N VAL G 25 21.96 34.81 14.25
CA VAL G 25 20.96 33.78 14.54
C VAL G 25 21.33 32.41 13.95
N PRO G 34 13.71 22.46 5.48
CA PRO G 34 13.80 22.29 4.01
C PRO G 34 15.24 22.48 3.54
N GLN G 35 15.69 21.65 2.62
CA GLN G 35 17.07 21.72 2.15
C GLN G 35 17.26 22.07 0.69
N LYS G 36 18.42 22.64 0.37
CA LYS G 36 18.74 22.96 -1.02
C LYS G 36 19.93 22.07 -1.40
N GLY G 37 20.06 21.72 -2.67
CA GLY G 37 21.18 20.88 -3.08
C GLY G 37 21.40 20.90 -4.57
N LYS G 38 22.61 20.57 -5.01
CA LYS G 38 22.90 20.53 -6.42
C LYS G 38 22.87 19.09 -6.88
N VAL G 39 22.07 18.80 -7.89
CA VAL G 39 21.98 17.45 -8.41
C VAL G 39 23.26 17.21 -9.19
N ILE G 40 24.00 16.18 -8.82
CA ILE G 40 25.26 15.89 -9.49
C ILE G 40 25.19 14.60 -10.31
N ALA G 41 24.16 13.81 -10.07
CA ALA G 41 23.98 12.56 -10.78
C ALA G 41 22.54 12.09 -10.61
N VAL G 42 21.95 11.54 -11.66
CA VAL G 42 20.58 11.07 -11.59
C VAL G 42 20.46 9.63 -12.10
N GLY G 43 19.55 8.87 -11.50
CA GLY G 43 19.34 7.49 -11.90
C GLY G 43 18.55 7.38 -13.18
N THR G 44 18.13 6.16 -13.50
CA THR G 44 17.37 5.88 -14.73
C THR G 44 15.88 6.06 -14.54
N GLY G 45 15.46 6.27 -13.30
CA GLY G 45 14.06 6.49 -13.03
C GLY G 45 13.30 5.28 -12.53
N ARG G 46 12.06 5.52 -12.17
CA ARG G 46 11.14 4.51 -11.69
C ARG G 46 10.62 3.66 -12.85
N VAL G 47 10.21 2.44 -12.54
CA VAL G 47 9.66 1.56 -13.56
C VAL G 47 8.19 1.39 -13.24
N LEU G 48 7.37 1.27 -14.28
CA LEU G 48 5.93 1.11 -14.08
C LEU G 48 5.52 -0.33 -14.34
N GLU G 49 4.36 -0.70 -13.81
CA GLU G 49 3.84 -2.05 -13.97
C GLU G 49 3.71 -2.50 -15.43
N ASN G 50 3.67 -1.54 -16.35
CA ASN G 50 3.55 -1.87 -17.77
C ASN G 50 4.93 -2.02 -18.42
N GLY G 51 5.96 -1.97 -17.57
CA GLY G 51 7.31 -2.11 -18.06
C GLY G 51 8.02 -0.81 -18.36
N GLN G 52 7.27 0.25 -18.65
CA GLN G 52 7.83 1.55 -18.95
C GLN G 52 8.64 2.15 -17.79
N ARG G 53 9.72 2.82 -18.14
CA ARG G 53 10.59 3.46 -17.16
C ARG G 53 10.43 4.99 -17.30
N VAL G 54 9.94 5.63 -16.25
CA VAL G 54 9.73 7.06 -16.27
C VAL G 54 11.01 7.80 -15.88
N PRO G 55 11.53 8.63 -16.78
CA PRO G 55 12.76 9.42 -16.58
C PRO G 55 12.62 10.39 -15.42
N LEU G 56 13.73 10.70 -14.76
CA LEU G 56 13.68 11.64 -13.64
C LEU G 56 13.39 13.04 -14.18
N GLU G 57 12.66 13.83 -13.39
CA GLU G 57 12.28 15.17 -13.78
C GLU G 57 13.36 16.22 -13.49
N VAL G 58 14.51 15.80 -12.95
CA VAL G 58 15.57 16.75 -12.69
C VAL G 58 16.80 16.28 -13.46
N LYS G 59 17.77 17.17 -13.65
CA LYS G 59 18.99 16.80 -14.36
C LYS G 59 20.17 17.33 -13.57
N GLU G 60 21.38 16.98 -14.01
CA GLU G 60 22.59 17.41 -13.32
C GLU G 60 22.70 18.91 -13.40
N GLY G 61 23.06 19.51 -12.28
CA GLY G 61 23.18 20.96 -12.22
C GLY G 61 22.03 21.54 -11.42
N ASP G 62 20.82 21.09 -11.74
CA ASP G 62 19.62 21.56 -11.06
C ASP G 62 19.78 21.74 -9.57
N ILE G 63 19.12 22.76 -9.03
CA ILE G 63 19.14 22.99 -7.60
C ILE G 63 17.75 22.50 -7.18
N VAL G 64 17.71 21.60 -6.22
CA VAL G 64 16.45 21.06 -5.82
C VAL G 64 16.23 21.31 -4.36
N VAL G 65 14.95 21.34 -4.02
CA VAL G 65 14.53 21.54 -2.64
C VAL G 65 14.05 20.18 -2.22
N PHE G 66 14.44 19.75 -1.03
CA PHE G 66 14.03 18.44 -0.57
C PHE G 66 13.78 18.41 0.91
N ALA G 67 12.92 17.49 1.31
CA ALA G 67 12.54 17.29 2.69
C ALA G 67 13.75 17.31 3.60
N LYS G 68 13.65 18.02 4.72
CA LYS G 68 14.76 18.06 5.67
C LYS G 68 14.75 16.67 6.28
N TYR G 69 15.93 16.10 6.52
CA TYR G 69 16.01 14.76 7.11
C TYR G 69 15.71 13.64 6.11
N GLY G 70 15.24 14.01 4.92
CA GLY G 70 14.94 13.00 3.92
C GLY G 70 16.22 12.52 3.27
N GLY G 71 16.24 11.28 2.79
CA GLY G 71 17.42 10.77 2.12
C GLY G 71 18.48 10.07 2.96
N THR G 72 19.50 9.56 2.26
CA THR G 72 20.62 8.84 2.85
C THR G 72 21.93 9.59 2.66
N GLU G 73 22.61 9.86 3.77
CA GLU G 73 23.89 10.56 3.79
C GLU G 73 24.99 9.58 3.44
N ILE G 74 25.85 9.94 2.52
CA ILE G 74 26.95 9.07 2.16
C ILE G 74 28.19 9.91 1.98
N GLU G 75 29.20 9.67 2.80
CA GLU G 75 30.42 10.41 2.64
C GLU G 75 31.26 9.61 1.66
N ILE G 76 31.97 10.33 0.79
CA ILE G 76 32.83 9.68 -0.19
C ILE G 76 33.97 10.63 -0.53
N ASP G 77 35.15 10.30 -0.01
CA ASP G 77 36.35 11.10 -0.22
C ASP G 77 36.22 12.42 0.53
N GLY G 78 35.88 12.36 1.81
CA GLY G 78 35.75 13.56 2.61
C GLY G 78 34.62 14.48 2.12
N GLU G 79 34.00 14.08 1.01
CA GLU G 79 32.89 14.83 0.44
C GLU G 79 31.61 14.16 0.91
N GLU G 80 30.62 14.97 1.27
CA GLU G 80 29.36 14.40 1.66
C GLU G 80 28.35 14.59 0.55
N TYR G 81 27.44 13.65 0.45
CA TYR G 81 26.40 13.73 -0.54
C TYR G 81 25.13 13.18 0.07
N VAL G 82 24.03 13.40 -0.63
CA VAL G 82 22.76 12.87 -0.18
C VAL G 82 22.19 12.14 -1.36
N ILE G 83 21.79 10.90 -1.09
CA ILE G 83 21.18 10.05 -2.09
C ILE G 83 19.70 10.19 -1.80
N LEU G 84 18.96 10.66 -2.80
CA LEU G 84 17.55 10.90 -2.66
C LEU G 84 16.71 10.24 -3.72
N SER G 85 15.48 9.95 -3.35
CA SER G 85 14.55 9.37 -4.28
C SER G 85 13.88 10.56 -4.97
N GLU G 86 13.46 10.39 -6.22
CA GLU G 86 12.81 11.47 -6.95
C GLU G 86 11.57 11.95 -6.19
N ARG G 87 10.82 11.03 -5.61
CA ARG G 87 9.62 11.38 -4.87
C ARG G 87 9.90 12.34 -3.73
N ASP G 88 11.13 12.36 -3.26
CA ASP G 88 11.52 13.26 -2.16
C ASP G 88 11.91 14.67 -2.62
N LEU G 89 11.95 14.88 -3.93
CA LEU G 89 12.33 16.19 -4.45
C LEU G 89 11.09 17.07 -4.69
N LEU G 90 10.91 18.08 -3.84
CA LEU G 90 9.77 18.99 -3.91
C LEU G 90 9.76 19.89 -5.15
N ALA G 91 10.87 20.54 -5.44
CA ALA G 91 10.94 21.41 -6.61
C ALA G 91 12.37 21.77 -7.02
N VAL G 92 12.47 22.37 -8.20
CA VAL G 92 13.74 22.81 -8.77
C VAL G 92 13.75 24.32 -8.60
N LEU G 93 14.89 24.87 -8.21
CA LEU G 93 15.05 26.33 -8.07
C LEU G 93 15.83 26.81 -9.27
N GLN G 94 15.23 27.67 -10.08
CA GLN G 94 15.93 28.17 -11.24
C GLN G 94 15.46 29.58 -11.54
#